data_7MSU
#
_entry.id   7MSU
#
_cell.length_a   52.100
_cell.length_b   52.100
_cell.length_c   112.284
_cell.angle_alpha   90.000
_cell.angle_beta   90.000
_cell.angle_gamma   90.000
#
_symmetry.space_group_name_H-M   'P 41 2 2'
#
loop_
_entity.id
_entity.type
_entity.pdbx_description
1 polymer 'Hemolysin, contains CBS domains'
2 non-polymer 1,2-ETHANEDIOL
3 non-polymer 'MAGNESIUM ION'
4 non-polymer "ADENOSINE-5'-TRIPHOSPHATE"
5 water water
#
_entity_poly.entity_id   1
_entity_poly.type   'polypeptide(L)'
_entity_poly.pdbx_seq_one_letter_code
;DTTAREVMTPRVDVVMIEDTATLESALAIFNETGFSRIPVYHERIDNIVGLLNVKDVFSAVFRQQTSATIRDLMYEPYFI
PESKKIDELLKELQVKKQHMAVVLDEYGSFAGIVTVEDMLEELVLEHHHHHH
;
_entity_poly.pdbx_strand_id   A
#
loop_
_chem_comp.id
_chem_comp.type
_chem_comp.name
_chem_comp.formula
ATP non-polymer ADENOSINE-5'-TRIPHOSPHATE 'C10 H16 N5 O13 P3'
EDO non-polymer 1,2-ETHANEDIOL 'C2 H6 O2'
MG non-polymer 'MAGNESIUM ION' 'Mg 2'
#
# COMPACT_ATOMS: atom_id res chain seq x y z
N ASP A 1 6.45 18.79 13.53
CA ASP A 1 5.34 18.06 14.13
C ASP A 1 4.32 17.62 13.08
N THR A 2 4.76 17.57 11.82
CA THR A 2 3.87 17.16 10.75
C THR A 2 3.41 15.73 10.95
N THR A 3 2.16 15.45 10.57
CA THR A 3 1.55 14.14 10.77
C THR A 3 1.34 13.44 9.44
N ALA A 4 0.96 12.17 9.52
CA ALA A 4 0.77 11.36 8.32
C ALA A 4 -0.36 11.91 7.45
N ARG A 5 -1.46 12.34 8.07
CA ARG A 5 -2.60 12.82 7.30
C ARG A 5 -2.27 14.05 6.47
N GLU A 6 -1.25 14.82 6.88
CA GLU A 6 -0.90 16.04 6.16
C GLU A 6 -0.11 15.77 4.88
N VAL A 7 0.48 14.58 4.75
CA VAL A 7 1.28 14.24 3.58
C VAL A 7 0.73 13.04 2.82
N MET A 8 -0.31 12.39 3.33
CA MET A 8 -0.75 11.13 2.76
C MET A 8 -1.49 11.35 1.44
N THR A 9 -1.45 10.31 0.61
CA THR A 9 -2.36 10.24 -0.54
C THR A 9 -3.69 9.71 -0.05
N PRO A 10 -4.77 10.48 -0.13
CA PRO A 10 -6.03 10.05 0.48
C PRO A 10 -6.65 8.85 -0.23
N ARG A 11 -7.46 8.12 0.52
CA ARG A 11 -8.14 6.93 0.00
C ARG A 11 -8.73 7.18 -1.38
N VAL A 12 -9.41 8.32 -1.57
CA VAL A 12 -10.12 8.56 -2.81
C VAL A 12 -9.20 8.50 -4.02
N ASP A 13 -7.90 8.70 -3.83
CA ASP A 13 -6.94 8.72 -4.92
C ASP A 13 -6.10 7.45 -5.00
N VAL A 14 -6.39 6.44 -4.20
CA VAL A 14 -5.55 5.26 -4.10
C VAL A 14 -6.02 4.21 -5.11
N VAL A 15 -5.07 3.70 -5.89
CA VAL A 15 -5.32 2.55 -6.75
C VAL A 15 -5.22 1.29 -5.88
N MET A 16 -6.27 0.48 -5.91
CA MET A 16 -6.37 -0.73 -5.09
C MET A 16 -6.78 -1.89 -5.98
N ILE A 17 -6.86 -3.08 -5.38
CA ILE A 17 -7.31 -4.28 -6.06
C ILE A 17 -7.94 -5.19 -5.03
N GLU A 18 -8.96 -5.94 -5.45
CA GLU A 18 -9.60 -6.89 -4.57
C GLU A 18 -8.82 -8.20 -4.55
N ASP A 19 -8.83 -8.88 -3.40
CA ASP A 19 -8.08 -10.11 -3.26
C ASP A 19 -8.66 -11.24 -4.11
N THR A 20 -9.84 -11.05 -4.69
CA THR A 20 -10.41 -12.03 -5.60
C THR A 20 -9.91 -11.88 -7.02
N ALA A 21 -9.27 -10.76 -7.34
CA ALA A 21 -8.84 -10.48 -8.71
C ALA A 21 -7.74 -11.44 -9.15
N THR A 22 -7.57 -11.55 -10.46
CA THR A 22 -6.52 -12.37 -11.04
C THR A 22 -5.21 -11.59 -11.08
N LEU A 23 -4.11 -12.34 -11.23
CA LEU A 23 -2.82 -11.69 -11.38
C LEU A 23 -2.72 -10.96 -12.71
N GLU A 24 -3.43 -11.43 -13.74
CA GLU A 24 -3.45 -10.71 -15.01
C GLU A 24 -4.09 -9.34 -14.86
N SER A 25 -5.17 -9.26 -14.09
CA SER A 25 -5.78 -7.96 -13.81
C SER A 25 -4.81 -7.06 -13.05
N ALA A 26 -4.09 -7.62 -12.08
CA ALA A 26 -3.12 -6.83 -11.33
C ALA A 26 -2.04 -6.27 -12.23
N LEU A 27 -1.49 -7.10 -13.14
CA LEU A 27 -0.49 -6.61 -14.08
C LEU A 27 -1.04 -5.45 -14.91
N ALA A 28 -2.29 -5.55 -15.34
CA ALA A 28 -2.89 -4.46 -16.10
C ALA A 28 -2.96 -3.19 -15.26
N ILE A 29 -3.35 -3.32 -13.99
CA ILE A 29 -3.44 -2.16 -13.11
C ILE A 29 -2.06 -1.54 -12.93
N PHE A 30 -1.04 -2.37 -12.66
CA PHE A 30 0.31 -1.85 -12.50
C PHE A 30 0.77 -1.12 -13.75
N ASN A 31 0.48 -1.68 -14.92
CA ASN A 31 0.96 -1.08 -16.17
C ASN A 31 0.27 0.25 -16.44
N GLU A 32 -1.04 0.33 -16.25
CA GLU A 32 -1.77 1.54 -16.59
C GLU A 32 -1.42 2.68 -15.64
N THR A 33 -1.24 2.38 -14.36
CA THR A 33 -1.00 3.42 -13.36
C THR A 33 0.49 3.72 -13.18
N GLY A 34 1.34 2.71 -13.27
CA GLY A 34 2.77 2.89 -13.07
C GLY A 34 3.24 2.70 -11.65
N PHE A 35 2.33 2.54 -10.69
CA PHE A 35 2.73 2.35 -9.31
C PHE A 35 3.37 0.98 -9.11
N SER A 36 4.24 0.89 -8.10
CA SER A 36 4.90 -0.36 -7.76
C SER A 36 4.15 -1.16 -6.71
N ARG A 37 3.27 -0.52 -5.94
CA ARG A 37 2.59 -1.17 -4.83
C ARG A 37 1.17 -0.66 -4.75
N ILE A 38 0.21 -1.59 -4.70
CA ILE A 38 -1.20 -1.25 -4.62
C ILE A 38 -1.82 -2.01 -3.45
N PRO A 39 -2.60 -1.37 -2.57
CA PRO A 39 -3.22 -2.10 -1.48
C PRO A 39 -4.21 -3.14 -1.98
N VAL A 40 -4.43 -4.17 -1.16
CA VAL A 40 -5.38 -5.23 -1.45
C VAL A 40 -6.48 -5.19 -0.40
N TYR A 41 -7.73 -5.18 -0.85
CA TYR A 41 -8.87 -5.14 0.04
C TYR A 41 -9.72 -6.40 -0.13
N HIS A 42 -10.46 -6.72 0.93
CA HIS A 42 -11.33 -7.90 0.97
C HIS A 42 -12.76 -7.43 1.17
N GLU A 43 -13.60 -7.64 0.14
CA GLU A 43 -15.00 -7.27 0.16
C GLU A 43 -15.18 -5.75 0.13
N ARG A 44 -14.78 -5.07 1.19
CA ARG A 44 -14.96 -3.63 1.31
C ARG A 44 -13.62 -2.90 1.15
N ILE A 45 -13.70 -1.69 0.59
CA ILE A 45 -12.50 -0.88 0.37
C ILE A 45 -11.80 -0.60 1.70
N ASP A 46 -12.57 -0.43 2.77
CA ASP A 46 -12.01 -0.09 4.07
C ASP A 46 -11.35 -1.27 4.77
N ASN A 47 -11.42 -2.46 4.19
CA ASN A 47 -10.85 -3.67 4.80
C ASN A 47 -9.58 -4.03 4.06
N ILE A 48 -8.51 -3.28 4.33
CA ILE A 48 -7.21 -3.52 3.72
C ILE A 48 -6.60 -4.74 4.39
N VAL A 49 -6.29 -5.76 3.59
CA VAL A 49 -5.75 -7.02 4.11
C VAL A 49 -4.30 -7.25 3.69
N GLY A 50 -3.76 -6.46 2.77
CA GLY A 50 -2.40 -6.66 2.33
C GLY A 50 -1.99 -5.63 1.30
N LEU A 51 -0.71 -5.69 0.95
CA LEU A 51 -0.14 -4.90 -0.13
C LEU A 51 0.43 -5.83 -1.18
N LEU A 52 0.34 -5.42 -2.44
CA LEU A 52 0.78 -6.22 -3.57
C LEU A 52 1.89 -5.48 -4.31
N ASN A 53 3.05 -6.11 -4.42
CA ASN A 53 4.20 -5.55 -5.11
C ASN A 53 4.25 -6.09 -6.54
N VAL A 54 4.49 -5.20 -7.50
CA VAL A 54 4.52 -5.62 -8.91
C VAL A 54 5.61 -6.66 -9.13
N LYS A 55 6.71 -6.59 -8.37
CA LYS A 55 7.77 -7.58 -8.49
C LYS A 55 7.23 -8.98 -8.29
N ASP A 56 6.58 -9.22 -7.15
CA ASP A 56 6.07 -10.56 -6.86
C ASP A 56 5.08 -11.03 -7.92
N VAL A 57 4.36 -10.10 -8.54
CA VAL A 57 3.40 -10.49 -9.59
C VAL A 57 4.14 -10.88 -10.85
N PHE A 58 5.16 -10.12 -11.24
CA PHE A 58 5.91 -10.44 -12.46
C PHE A 58 6.70 -11.73 -12.30
N SER A 59 7.34 -11.92 -11.14
CA SER A 59 8.15 -13.12 -10.92
C SER A 59 7.30 -14.38 -10.90
N ALA A 60 5.99 -14.27 -10.64
CA ALA A 60 5.11 -15.42 -10.60
C ALA A 60 4.58 -15.81 -11.97
N VAL A 61 5.05 -15.17 -13.03
CA VAL A 61 4.63 -15.52 -14.38
C VAL A 61 5.84 -15.53 -15.32
N ARG A 63 9.30 -16.77 -12.29
CA ARG A 63 9.21 -18.18 -11.95
C ARG A 63 8.46 -18.94 -13.04
N GLN A 64 7.21 -19.32 -12.75
CA GLN A 64 6.41 -20.06 -13.71
C GLN A 64 4.94 -19.92 -13.33
N GLN A 65 4.08 -20.07 -14.34
CA GLN A 65 2.64 -20.02 -14.10
C GLN A 65 2.25 -21.06 -13.08
N THR A 66 1.57 -20.63 -12.02
CA THR A 66 1.19 -21.51 -10.93
C THR A 66 -0.19 -21.11 -10.44
N SER A 67 -0.62 -21.72 -9.34
CA SER A 67 -1.90 -21.42 -8.70
C SER A 67 -1.81 -20.24 -7.74
N ALA A 68 -0.97 -19.24 -8.05
CA ALA A 68 -0.74 -18.15 -7.13
C ALA A 68 -1.95 -17.22 -7.07
N THR A 69 -2.43 -16.96 -5.86
CA THR A 69 -3.49 -16.00 -5.61
C THR A 69 -2.90 -14.75 -4.98
N ILE A 70 -3.63 -13.63 -5.09
CA ILE A 70 -3.16 -12.39 -4.50
C ILE A 70 -2.97 -12.56 -2.99
N ARG A 71 -3.82 -13.35 -2.35
CA ARG A 71 -3.67 -13.59 -0.92
C ARG A 71 -2.34 -14.25 -0.60
N ASP A 72 -1.77 -14.99 -1.56
CA ASP A 72 -0.47 -15.63 -1.34
C ASP A 72 0.68 -14.66 -1.58
N LEU A 73 0.54 -13.79 -2.59
CA LEU A 73 1.61 -12.87 -2.94
C LEU A 73 1.61 -11.60 -2.09
N MET A 74 0.49 -11.25 -1.47
CA MET A 74 0.41 -10.03 -0.70
C MET A 74 1.11 -10.18 0.63
N TYR A 75 1.59 -9.07 1.18
CA TYR A 75 2.26 -9.04 2.47
C TYR A 75 1.55 -8.08 3.40
N GLU A 76 1.85 -8.20 4.68
CA GLU A 76 1.15 -7.42 5.69
C GLU A 76 1.54 -5.95 5.60
N PRO A 77 0.58 -5.02 5.63
CA PRO A 77 0.94 -3.60 5.66
C PRO A 77 1.29 -3.15 7.06
N TYR A 78 1.93 -1.98 7.12
CA TYR A 78 2.23 -1.31 8.38
C TYR A 78 1.18 -0.23 8.59
N PHE A 79 0.24 -0.47 9.50
CA PHE A 79 -0.86 0.44 9.75
C PHE A 79 -0.47 1.48 10.80
N ILE A 80 -0.87 2.72 10.54
CA ILE A 80 -0.55 3.84 11.43
C ILE A 80 -1.76 4.75 11.54
N PRO A 81 -1.83 5.53 12.62
CA PRO A 81 -2.90 6.51 12.74
C PRO A 81 -2.60 7.78 11.96
N GLU A 82 -3.66 8.56 11.72
CA GLU A 82 -3.49 9.84 11.04
C GLU A 82 -2.60 10.78 11.83
N SER A 83 -2.58 10.65 13.16
CA SER A 83 -1.79 11.54 14.02
C SER A 83 -0.33 11.15 14.10
N LYS A 84 0.08 10.06 13.45
CA LYS A 84 1.48 9.64 13.50
C LYS A 84 2.38 10.73 12.94
N LYS A 85 3.39 11.10 13.71
CA LYS A 85 4.37 12.08 13.26
C LYS A 85 5.32 11.43 12.25
N ILE A 86 5.55 12.13 11.13
CA ILE A 86 6.31 11.53 10.04
C ILE A 86 7.78 11.36 10.38
N ASP A 87 8.31 12.12 11.34
CA ASP A 87 9.70 11.91 11.74
C ASP A 87 9.87 10.53 12.37
N GLU A 88 8.85 10.07 13.11
CA GLU A 88 8.88 8.72 13.65
C GLU A 88 8.62 7.68 12.57
N LEU A 89 7.67 7.97 11.67
CA LEU A 89 7.34 7.02 10.61
C LEU A 89 8.52 6.77 9.69
N LEU A 90 9.24 7.82 9.33
CA LEU A 90 10.39 7.67 8.42
C LEU A 90 11.40 6.68 8.99
N LYS A 91 11.73 6.83 10.28
CA LYS A 91 12.66 5.89 10.90
C LYS A 91 12.08 4.49 10.98
N GLU A 92 10.80 4.38 11.32
CA GLU A 92 10.17 3.07 11.44
C GLU A 92 10.16 2.33 10.11
N LEU A 93 9.81 3.03 9.03
CA LEU A 93 9.84 2.40 7.71
C LEU A 93 11.26 2.00 7.33
N GLN A 94 12.25 2.79 7.72
CA GLN A 94 13.64 2.45 7.39
C GLN A 94 14.04 1.14 8.07
N VAL A 95 13.67 0.96 9.33
CA VAL A 95 14.01 -0.27 10.04
C VAL A 95 13.38 -1.47 9.34
N LYS A 96 12.12 -1.33 8.93
CA LYS A 96 11.41 -2.41 8.27
C LYS A 96 11.82 -2.59 6.81
N LYS A 97 12.49 -1.60 6.21
CA LYS A 97 12.85 -1.63 4.80
C LYS A 97 11.60 -1.58 3.92
N GLN A 98 10.52 -0.98 4.43
CA GLN A 98 9.26 -0.87 3.71
C GLN A 98 9.08 0.55 3.18
N HIS A 99 8.44 0.64 2.02
CA HIS A 99 8.23 1.92 1.35
C HIS A 99 6.89 2.57 1.67
N MET A 100 5.86 1.79 2.01
CA MET A 100 4.50 2.29 2.10
C MET A 100 3.88 1.93 3.44
N ALA A 101 3.15 2.87 4.02
CA ALA A 101 2.36 2.65 5.22
C ALA A 101 0.91 3.01 4.94
N VAL A 102 0.00 2.31 5.61
CA VAL A 102 -1.43 2.51 5.43
C VAL A 102 -1.96 3.30 6.61
N VAL A 103 -2.61 4.43 6.33
CA VAL A 103 -3.14 5.31 7.37
C VAL A 103 -4.57 4.91 7.65
N LEU A 104 -4.93 4.88 8.93
CA LEU A 104 -6.27 4.55 9.38
C LEU A 104 -6.86 5.72 10.17
N ASP A 105 -8.18 5.83 10.13
CA ASP A 105 -8.88 6.93 10.78
C ASP A 105 -9.30 6.51 12.19
N GLU A 106 -10.09 7.37 12.86
CA GLU A 106 -10.48 7.09 14.24
C GLU A 106 -11.36 5.85 14.35
N TYR A 107 -11.96 5.39 13.25
CA TYR A 107 -12.77 4.18 13.27
C TYR A 107 -11.99 2.95 12.82
N GLY A 108 -10.69 3.07 12.60
CA GLY A 108 -9.91 1.95 12.12
C GLY A 108 -10.15 1.59 10.68
N SER A 109 -10.68 2.53 9.89
CA SER A 109 -10.95 2.30 8.48
C SER A 109 -9.92 3.02 7.62
N PHE A 110 -9.91 2.65 6.34
CA PHE A 110 -8.87 3.10 5.41
C PHE A 110 -8.97 4.60 5.17
N ALA A 111 -7.92 5.34 5.55
CA ALA A 111 -7.86 6.77 5.34
C ALA A 111 -6.96 7.18 4.18
N GLY A 112 -5.87 6.45 3.94
CA GLY A 112 -4.96 6.80 2.88
C GLY A 112 -3.66 6.02 3.03
N ILE A 113 -2.64 6.48 2.28
CA ILE A 113 -1.33 5.84 2.29
C ILE A 113 -0.26 6.92 2.37
N VAL A 114 0.88 6.54 2.93
CA VAL A 114 2.06 7.40 3.02
C VAL A 114 3.26 6.59 2.61
N THR A 115 3.98 7.06 1.60
CA THR A 115 5.24 6.47 1.17
C THR A 115 6.39 7.37 1.61
N VAL A 116 7.60 6.82 1.51
CA VAL A 116 8.79 7.60 1.85
C VAL A 116 8.85 8.86 1.00
N GLU A 117 8.44 8.76 -0.27
CA GLU A 117 8.46 9.92 -1.16
C GLU A 117 7.49 10.99 -0.68
N ASP A 118 6.37 10.60 -0.08
CA ASP A 118 5.46 11.59 0.47
C ASP A 118 6.11 12.37 1.61
N MET A 119 6.84 11.68 2.49
CA MET A 119 7.47 12.36 3.62
C MET A 119 8.65 13.20 3.15
N LEU A 120 9.44 12.70 2.21
CA LEU A 120 10.57 13.47 1.71
C LEU A 120 10.14 14.68 0.90
N GLU A 121 8.93 14.66 0.33
CA GLU A 121 8.44 15.81 -0.40
C GLU A 121 8.37 17.05 0.48
N GLU A 122 8.22 16.86 1.80
CA GLU A 122 8.21 17.99 2.71
C GLU A 122 9.52 18.78 2.63
N LEU A 123 10.64 18.07 2.55
CA LEU A 123 11.95 18.72 2.44
C LEU A 123 12.23 19.03 0.97
N VAL A 124 11.47 20.00 0.46
CA VAL A 124 11.59 20.41 -0.94
C VAL A 124 11.15 19.27 -1.85
C1 EDO B . -10.84 -9.86 6.64
O1 EDO B . -10.42 -8.89 7.61
C2 EDO B . -12.11 -10.56 7.12
O2 EDO B . -12.92 -9.63 7.84
H11 EDO B . -10.05 -10.59 6.47
H12 EDO B . -11.04 -9.36 5.69
HO1 EDO B . -9.64 -8.43 7.29
H21 EDO B . -11.84 -11.40 7.76
H22 EDO B . -12.66 -10.95 6.26
HO2 EDO B . -13.70 -10.09 8.20
MG MG C . 8.33 6.46 -7.21
MG MG D . -10.81 12.99 9.88
PG ATP E . 8.77 3.29 -6.63
O1G ATP E . 9.38 4.62 -6.91
O2G ATP E . 9.29 2.63 -5.35
O3G ATP E . 8.90 2.31 -7.80
PB ATP E . 6.00 4.36 -6.84
O1B ATP E . 6.42 5.33 -7.87
O2B ATP E . 4.83 3.45 -7.21
O3B ATP E . 7.20 3.44 -6.40
PA ATP E . 6.30 6.13 -4.50
O1A ATP E . 7.49 6.75 -5.12
O2A ATP E . 6.55 5.43 -3.16
O3A ATP E . 5.63 5.07 -5.47
O5' ATP E . 5.15 7.19 -4.30
C5' ATP E . 4.99 8.29 -5.22
C4' ATP E . 3.63 8.92 -5.04
O4' ATP E . 2.65 7.96 -5.47
C3' ATP E . 3.33 9.15 -3.55
O3' ATP E . 2.38 10.20 -3.51
C2' ATP E . 2.56 7.89 -3.17
O2' ATP E . 1.60 8.28 -2.19
C1' ATP E . 1.74 7.70 -4.43
N9 ATP E . 1.30 6.32 -4.59
C8 ATP E . 2.05 5.18 -4.47
N7 ATP E . 1.38 4.07 -4.65
C5 ATP E . 0.09 4.51 -4.90
C6 ATP E . -1.10 3.82 -5.18
N6 ATP E . -1.21 2.49 -5.26
N1 ATP E . -2.22 4.55 -5.39
C2 ATP E . -2.13 5.89 -5.32
N3 ATP E . -1.06 6.65 -5.07
C4 ATP E . 0.03 5.90 -4.87
H5'1 ATP E . 5.06 7.97 -6.14
H5'2 ATP E . 5.68 8.96 -5.05
H4' ATP E . 3.52 9.75 -5.54
H3' ATP E . 4.14 9.27 -3.04
HO3' ATP E . 2.07 10.23 -2.71
H2' ATP E . 3.13 7.14 -2.94
HO2' ATP E . 1.97 8.17 -1.44
H1' ATP E . 0.98 8.31 -4.47
H8 ATP E . 2.96 5.19 -4.28
HN61 ATP E . -0.51 2.00 -5.09
HN62 ATP E . -1.95 2.12 -5.46
H2 ATP E . -2.92 6.36 -5.47
#